data_5O90
#
_entry.id   5O90
#
_cell.length_a   45.920
_cell.length_b   73.580
_cell.length_c   58.970
_cell.angle_alpha   90.00
_cell.angle_beta   91.09
_cell.angle_gamma   90.00
#
_symmetry.space_group_name_H-M   'P 1 21 1'
#
loop_
_entity.id
_entity.type
_entity.pdbx_description
1 polymer 'Mitogen-activated protein kinase 14'
2 polymer 'TGF-beta-activated kinase 1 and MAP3K7-binding protein 1'
3 non-polymer 4-(4-FLUOROPHENYL)-1-(4-PIPERIDINYL)-5-(2-AMINO-4-PYRIMIDINYL)-IMIDAZOLE
4 water water
#
loop_
_entity_poly.entity_id
_entity_poly.type
_entity_poly.pdbx_seq_one_letter_code
_entity_poly.pdbx_strand_id
1 'polypeptide(L)'
;MSQERPTFYRQELNKTIWEVPERYQNLSPVGSGAYGSVCAAFDTKTGHRVAVKKLSRPFQSIIHAKRTYRELRLLKHMKH
ENVIGLLDVFTPARSLEEFNDVYLVTHLMGADLNNIVKCQKLTDDHVQFLIYQILRGLKYIHSADIIHRDLKPSNLAVNE
DCELKILDFGLARHTDDEMTGYVAGRWYRAPEIMLNWMHYNQTVDIWSVGCIMAELLTGRTLFPGTDHIDQLKLILRLVG
TPGAELLKKISSESARNYIQSLAQMPKMNFANVFIGANPLAVDLLEKMLVLDSDKRITAAQALAHAYFAQYHDPDDEPVA
DPYDQSFESRDLLIDEWKSLTYDEVISFVPPPLDQEEMES
;
A
2 'polypeptide(L)' RVYPVSVPYSSAQSTSKTSVTLSLVMPSQ B
#
loop_
_chem_comp.id
_chem_comp.type
_chem_comp.name
_chem_comp.formula
SB4 non-polymer 4-(4-FLUOROPHENYL)-1-(4-PIPERIDINYL)-5-(2-AMINO-4-PYRIMIDINYL)-IMIDAZOLE 'C18 H19 F N6'
#
# COMPACT_ATOMS: atom_id res chain seq x y z
N ARG A 5 12.80 31.40 -4.10
CA ARG A 5 11.44 30.96 -4.38
C ARG A 5 11.12 31.00 -5.87
N PRO A 6 10.68 29.87 -6.41
CA PRO A 6 10.36 29.81 -7.84
C PRO A 6 9.06 30.52 -8.15
N THR A 7 8.90 30.84 -9.43
CA THR A 7 7.67 31.45 -9.91
C THR A 7 6.63 30.38 -10.13
N PHE A 8 5.42 30.62 -9.64
CA PHE A 8 4.32 29.70 -9.78
C PHE A 8 3.43 30.12 -10.94
N TYR A 9 2.49 29.24 -11.27
CA TYR A 9 1.43 29.55 -12.22
C TYR A 9 0.18 28.77 -11.82
N ARG A 10 -0.98 29.29 -12.22
CA ARG A 10 -2.26 28.74 -11.81
C ARG A 10 -2.99 28.11 -12.99
N GLN A 11 -3.85 27.14 -12.67
CA GLN A 11 -4.66 26.46 -13.69
C GLN A 11 -5.68 25.59 -12.99
N GLU A 12 -6.92 25.59 -13.49
CA GLU A 12 -8.02 24.87 -12.89
C GLU A 12 -8.13 23.47 -13.48
N LEU A 13 -8.42 22.50 -12.64
CA LEU A 13 -8.44 21.09 -13.04
C LEU A 13 -9.45 20.34 -12.18
N ASN A 14 -10.40 19.68 -12.84
CA ASN A 14 -11.57 19.12 -12.18
C ASN A 14 -12.19 20.14 -11.23
N LYS A 15 -12.27 21.39 -11.70
CA LYS A 15 -12.92 22.49 -11.00
C LYS A 15 -12.24 22.84 -9.68
N THR A 16 -10.91 22.79 -9.65
CA THR A 16 -10.15 23.44 -8.58
C THR A 16 -8.83 23.97 -9.13
N ILE A 17 -8.29 24.96 -8.45
CA ILE A 17 -7.14 25.69 -8.94
C ILE A 17 -5.87 25.10 -8.33
N TRP A 18 -4.85 24.95 -9.16
CA TRP A 18 -3.56 24.40 -8.78
C TRP A 18 -2.48 25.45 -8.97
N GLU A 19 -1.59 25.60 -7.97
CA GLU A 19 -0.51 26.59 -8.02
C GLU A 19 0.81 25.84 -7.82
N VAL A 20 1.62 25.77 -8.88
CA VAL A 20 2.79 24.89 -8.91
C VAL A 20 3.99 25.65 -9.46
N PRO A 21 5.21 25.23 -9.09
CA PRO A 21 6.38 25.80 -9.75
C PRO A 21 6.32 25.58 -11.25
N GLU A 22 7.00 26.47 -11.98
CA GLU A 22 7.00 26.39 -13.44
C GLU A 22 7.59 25.06 -13.91
N ARG A 23 8.49 24.47 -13.14
CA ARG A 23 9.16 23.25 -13.55
C ARG A 23 8.18 22.13 -13.92
N TYR A 24 7.06 22.00 -13.21
CA TYR A 24 6.13 20.92 -13.53
C TYR A 24 5.16 21.40 -14.61
N GLN A 25 5.06 20.64 -15.71
CA GLN A 25 4.38 21.10 -16.92
C GLN A 25 3.45 20.02 -17.48
N ASN A 26 2.46 20.47 -18.26
CA ASN A 26 1.46 19.59 -18.87
C ASN A 26 0.73 18.76 -17.81
N LEU A 27 0.28 19.44 -16.74
CA LEU A 27 -0.38 18.72 -15.65
C LEU A 27 -1.67 18.08 -16.13
N SER A 28 -1.89 16.81 -15.76
CA SER A 28 -3.02 16.01 -16.21
C SER A 28 -3.55 15.12 -15.09
N PRO A 29 -4.84 15.22 -14.74
CA PRO A 29 -5.40 14.39 -13.66
C PRO A 29 -5.29 12.90 -13.96
N VAL A 30 -5.07 12.09 -12.91
CA VAL A 30 -5.00 10.64 -13.06
C VAL A 30 -5.83 9.93 -11.99
N GLY A 31 -6.71 10.67 -11.31
CA GLY A 31 -7.65 10.04 -10.42
C GLY A 31 -7.50 10.54 -8.99
N SER A 32 -7.87 9.69 -8.03
CA SER A 32 -7.91 10.05 -6.63
C SER A 32 -6.74 9.44 -5.88
N GLY A 33 -6.31 10.13 -4.82
CA GLY A 33 -5.41 9.56 -3.85
C GLY A 33 -5.87 9.92 -2.44
N ALA A 34 -5.01 9.73 -1.45
CA ALA A 34 -5.50 9.76 -0.07
C ALA A 34 -5.70 11.21 0.36
N TYR A 35 -6.96 11.57 0.59
CA TYR A 35 -7.35 12.91 1.05
C TYR A 35 -7.01 14.00 0.02
N GLY A 36 -7.03 13.65 -1.27
CA GLY A 36 -6.80 14.62 -2.31
C GLY A 36 -6.94 13.99 -3.68
N SER A 37 -6.48 14.74 -4.71
CA SER A 37 -6.40 14.21 -6.07
C SER A 37 -5.04 14.51 -6.67
N VAL A 38 -4.65 13.72 -7.67
CA VAL A 38 -3.27 13.72 -8.13
C VAL A 38 -3.21 13.96 -9.63
N CYS A 39 -2.18 14.68 -10.09
CA CYS A 39 -1.95 14.83 -11.52
C CYS A 39 -0.63 14.20 -11.94
N ALA A 40 -0.61 13.66 -13.17
CA ALA A 40 0.66 13.36 -13.83
C ALA A 40 1.21 14.62 -14.44
N ALA A 41 2.50 14.89 -14.19
CA ALA A 41 3.12 16.08 -14.75
C ALA A 41 4.51 15.74 -15.26
N PHE A 42 5.00 16.60 -16.15
CA PHE A 42 6.37 16.53 -16.66
C PHE A 42 7.23 17.54 -15.91
N ASP A 43 8.35 17.07 -15.36
CA ASP A 43 9.25 17.92 -14.56
C ASP A 43 10.36 18.48 -15.44
N THR A 44 10.26 19.74 -15.85
CA THR A 44 11.24 20.28 -16.78
C THR A 44 12.60 20.50 -16.15
N LYS A 45 12.70 20.45 -14.83
CA LYS A 45 14.03 20.46 -14.23
C LYS A 45 14.74 19.12 -14.40
N THR A 46 14.03 18.00 -14.26
CA THR A 46 14.74 16.74 -14.29
C THR A 46 14.50 15.92 -15.55
N GLY A 47 13.45 16.20 -16.31
CA GLY A 47 13.06 15.38 -17.44
C GLY A 47 12.17 14.16 -17.13
N HIS A 48 11.80 13.93 -15.88
CA HIS A 48 10.98 12.77 -15.53
C HIS A 48 9.51 13.11 -15.42
N ARG A 49 8.68 12.12 -15.69
CA ARG A 49 7.26 12.24 -15.40
C ARG A 49 7.05 12.11 -13.89
N VAL A 50 6.25 13.00 -13.31
CA VAL A 50 5.96 12.92 -11.89
C VAL A 50 4.46 12.91 -11.66
N ALA A 51 4.06 12.33 -10.53
CA ALA A 51 2.70 12.43 -10.01
C ALA A 51 2.68 13.48 -8.91
N VAL A 52 1.74 14.43 -9.01
CA VAL A 52 1.54 15.49 -8.03
C VAL A 52 0.18 15.30 -7.37
N LYS A 53 0.17 15.19 -6.03
CA LYS A 53 -1.05 15.17 -5.22
C LYS A 53 -1.22 16.49 -4.50
N LYS A 54 -2.41 17.11 -4.64
CA LYS A 54 -2.80 18.27 -3.82
C LYS A 54 -3.81 17.79 -2.80
N LEU A 55 -3.49 17.97 -1.52
CA LEU A 55 -4.37 17.46 -0.47
C LEU A 55 -5.59 18.37 -0.24
N SER A 56 -6.68 17.77 0.23
CA SER A 56 -7.95 18.48 0.40
C SER A 56 -8.08 19.07 1.80
N ARG A 57 -8.30 20.39 1.85
CA ARG A 57 -8.56 21.14 3.07
C ARG A 57 -7.63 20.68 4.20
N PRO A 58 -6.31 20.73 3.98
CA PRO A 58 -5.37 20.10 4.94
C PRO A 58 -5.52 20.56 6.37
N PHE A 59 -6.01 21.79 6.61
CA PHE A 59 -6.05 22.35 7.95
C PHE A 59 -7.44 22.88 8.29
N GLN A 60 -8.46 22.34 7.61
CA GLN A 60 -9.86 22.55 7.93
C GLN A 60 -10.20 21.81 9.23
N SER A 61 -10.45 20.50 9.11
CA SER A 61 -10.84 19.68 10.27
C SER A 61 -9.64 19.44 11.19
N ILE A 62 -9.95 18.96 12.40
CA ILE A 62 -8.88 18.63 13.33
C ILE A 62 -8.14 17.39 12.84
N ILE A 63 -8.89 16.34 12.49
CA ILE A 63 -8.27 15.18 11.87
C ILE A 63 -7.42 15.64 10.69
N HIS A 64 -7.96 16.56 9.89
CA HIS A 64 -7.27 16.93 8.66
C HIS A 64 -5.87 17.44 8.95
N ALA A 65 -5.73 18.39 9.86
CA ALA A 65 -4.39 18.83 10.23
C ALA A 65 -3.54 17.65 10.71
N LYS A 66 -4.13 16.78 11.53
CA LYS A 66 -3.41 15.59 11.95
C LYS A 66 -3.16 14.67 10.76
N ARG A 67 -4.17 14.46 9.93
CA ARG A 67 -3.99 13.60 8.77
C ARG A 67 -2.95 14.20 7.83
N THR A 68 -2.93 15.52 7.72
CA THR A 68 -2.00 16.15 6.79
C THR A 68 -0.58 16.12 7.33
N TYR A 69 -0.39 16.36 8.63
CA TYR A 69 0.94 16.24 9.22
C TYR A 69 1.45 14.81 9.08
N ARG A 70 0.55 13.84 9.27
CA ARG A 70 0.91 12.44 9.34
C ARG A 70 1.47 11.94 8.01
N GLU A 71 0.75 12.21 6.92
CA GLU A 71 1.22 11.79 5.62
C GLU A 71 2.58 12.40 5.31
N LEU A 72 2.70 13.73 5.45
CA LEU A 72 3.98 14.36 5.12
C LEU A 72 5.09 13.84 6.03
N ARG A 73 4.78 13.50 7.28
CA ARG A 73 5.82 12.88 8.09
C ARG A 73 6.25 11.53 7.49
N LEU A 74 5.28 10.65 7.17
CA LEU A 74 5.59 9.33 6.63
C LEU A 74 6.31 9.47 5.29
N LEU A 75 5.83 10.37 4.43
CA LEU A 75 6.42 10.46 3.11
C LEU A 75 7.83 11.01 3.16
N LYS A 76 8.13 11.85 4.16
CA LYS A 76 9.49 12.35 4.25
C LYS A 76 10.44 11.29 4.77
N HIS A 77 9.91 10.31 5.49
CA HIS A 77 10.79 9.30 6.05
C HIS A 77 11.01 8.11 5.11
N MET A 78 10.10 7.84 4.17
CA MET A 78 10.17 6.58 3.42
C MET A 78 11.14 6.71 2.26
N LYS A 79 12.20 5.91 2.31
CA LYS A 79 13.24 5.91 1.26
C LYS A 79 13.49 4.44 0.89
N HIS A 80 12.81 3.98 -0.16
CA HIS A 80 12.81 2.56 -0.50
C HIS A 80 12.23 2.42 -1.91
N GLU A 81 12.75 1.42 -2.64
CA GLU A 81 12.37 1.28 -4.05
C GLU A 81 10.93 0.87 -4.22
N ASN A 82 10.40 0.05 -3.30
CA ASN A 82 9.02 -0.36 -3.37
C ASN A 82 8.09 0.46 -2.52
N VAL A 83 8.55 1.60 -2.00
CA VAL A 83 7.70 2.44 -1.18
C VAL A 83 7.74 3.84 -1.76
N ILE A 84 6.56 4.35 -2.11
CA ILE A 84 6.47 5.71 -2.63
C ILE A 84 7.23 6.65 -1.71
N GLY A 85 8.11 7.45 -2.32
CA GLY A 85 8.81 8.50 -1.63
C GLY A 85 8.51 9.85 -2.27
N LEU A 86 9.04 10.89 -1.63
CA LEU A 86 8.78 12.25 -2.08
C LEU A 86 9.98 12.72 -2.92
N LEU A 87 9.70 13.11 -4.17
CA LEU A 87 10.66 13.90 -4.92
C LEU A 87 10.66 15.35 -4.46
N ASP A 88 9.50 15.83 -3.99
CA ASP A 88 9.35 17.26 -3.70
C ASP A 88 8.06 17.48 -2.91
N VAL A 89 8.04 18.56 -2.14
CA VAL A 89 6.81 19.08 -1.52
C VAL A 89 6.89 20.60 -1.51
N PHE A 90 5.80 21.23 -1.96
CA PHE A 90 5.79 22.69 -2.07
C PHE A 90 4.38 23.20 -1.76
N THR A 91 4.32 24.49 -1.47
CA THR A 91 3.10 25.27 -1.32
C THR A 91 3.30 26.62 -2.00
N PRO A 92 2.25 27.20 -2.58
CA PRO A 92 2.36 28.56 -3.12
C PRO A 92 2.61 29.63 -2.07
N ALA A 93 2.40 29.36 -0.77
CA ALA A 93 2.49 30.40 0.23
C ALA A 93 3.94 30.72 0.56
N ARG A 94 4.22 32.03 0.74
CA ARG A 94 5.57 32.52 0.98
C ARG A 94 5.91 32.67 2.46
N SER A 95 4.95 32.53 3.36
CA SER A 95 5.26 32.39 4.78
C SER A 95 4.10 31.68 5.46
N LEU A 96 4.33 31.31 6.72
CA LEU A 96 3.35 30.53 7.46
C LEU A 96 1.99 31.22 7.49
N GLU A 97 1.98 32.56 7.56
CA GLU A 97 0.72 33.28 7.70
C GLU A 97 -0.21 33.09 6.52
N GLU A 98 0.31 32.70 5.35
CA GLU A 98 -0.54 32.38 4.21
C GLU A 98 -0.53 30.89 3.87
N PHE A 99 0.15 30.06 4.65
CA PHE A 99 0.22 28.62 4.43
C PHE A 99 -1.16 27.96 4.44
N ASN A 100 -1.61 27.44 3.29
CA ASN A 100 -2.98 26.94 3.19
C ASN A 100 -3.11 25.62 2.45
N ASP A 101 -2.29 25.41 1.43
CA ASP A 101 -2.39 24.23 0.58
C ASP A 101 -1.07 23.50 0.57
N VAL A 102 -1.09 22.19 0.32
CA VAL A 102 0.14 21.40 0.29
C VAL A 102 0.08 20.41 -0.86
N TYR A 103 1.16 20.35 -1.62
CA TYR A 103 1.28 19.48 -2.78
C TYR A 103 2.40 18.50 -2.53
N LEU A 104 2.16 17.23 -2.82
CA LEU A 104 3.18 16.22 -2.70
C LEU A 104 3.46 15.71 -4.11
N VAL A 105 4.71 15.31 -4.40
CA VAL A 105 5.06 14.85 -5.75
C VAL A 105 5.98 13.63 -5.66
N THR A 106 5.78 12.69 -6.58
CA THR A 106 6.51 11.43 -6.56
C THR A 106 6.73 10.99 -8.00
N HIS A 107 7.62 10.00 -8.17
CA HIS A 107 7.76 9.39 -9.50
C HIS A 107 6.41 8.88 -9.98
N LEU A 108 6.11 9.17 -11.25
CA LEU A 108 4.83 8.81 -11.84
C LEU A 108 4.84 7.32 -12.14
N MET A 109 3.87 6.61 -11.63
CA MET A 109 3.74 5.19 -11.93
C MET A 109 2.56 5.00 -12.88
N GLY A 110 2.64 4.04 -13.77
CA GLY A 110 1.61 3.94 -14.78
C GLY A 110 0.28 3.32 -14.35
N ALA A 111 0.31 2.30 -13.48
CA ALA A 111 -0.93 1.62 -13.09
C ALA A 111 -0.86 1.18 -11.63
N ASP A 112 -1.99 0.64 -11.17
CA ASP A 112 -2.13 -0.04 -9.90
C ASP A 112 -2.62 -1.46 -10.17
N LEU A 113 -2.37 -2.37 -9.20
CA LEU A 113 -2.60 -3.81 -9.45
C LEU A 113 -4.06 -4.11 -9.72
N ASN A 114 -4.96 -3.25 -9.29
CA ASN A 114 -6.37 -3.40 -9.63
C ASN A 114 -6.57 -3.30 -11.14
N ASN A 115 -5.98 -2.27 -11.76
CA ASN A 115 -6.07 -2.14 -13.21
C ASN A 115 -5.36 -3.27 -13.94
N ILE A 116 -4.26 -3.79 -13.40
CA ILE A 116 -3.53 -4.83 -14.12
C ILE A 116 -4.35 -6.12 -14.19
N VAL A 117 -4.73 -6.66 -13.04
CA VAL A 117 -5.45 -7.92 -13.02
C VAL A 117 -6.76 -7.79 -13.78
N LYS A 118 -7.33 -6.58 -13.86
CA LYS A 118 -8.55 -6.33 -14.60
C LYS A 118 -8.34 -6.27 -16.10
N CYS A 119 -7.12 -6.51 -16.60
CA CYS A 119 -6.88 -6.50 -18.02
C CYS A 119 -5.88 -7.55 -18.49
N GLN A 120 -5.35 -8.40 -17.61
CA GLN A 120 -4.42 -9.43 -18.03
C GLN A 120 -4.41 -10.57 -17.03
N LYS A 121 -3.96 -11.71 -17.50
CA LYS A 121 -3.54 -12.78 -16.62
C LYS A 121 -2.08 -12.56 -16.22
N LEU A 122 -1.60 -13.36 -15.28
CA LEU A 122 -0.30 -13.13 -14.67
C LEU A 122 0.37 -14.46 -14.41
N THR A 123 1.63 -14.55 -14.76
CA THR A 123 2.37 -15.80 -14.65
C THR A 123 2.82 -16.02 -13.22
N ASP A 124 3.37 -17.20 -12.98
CA ASP A 124 3.97 -17.38 -11.66
C ASP A 124 5.20 -16.51 -11.52
N ASP A 125 5.87 -16.21 -12.63
CA ASP A 125 7.01 -15.31 -12.58
C ASP A 125 6.56 -13.90 -12.20
N HIS A 126 5.44 -13.45 -12.77
CA HIS A 126 4.89 -12.15 -12.41
C HIS A 126 4.56 -12.09 -10.93
N VAL A 127 3.75 -13.04 -10.44
CA VAL A 127 3.35 -12.97 -9.04
C VAL A 127 4.55 -13.21 -8.14
N GLN A 128 5.55 -13.94 -8.63
CA GLN A 128 6.78 -14.14 -7.85
C GLN A 128 7.38 -12.79 -7.51
N PHE A 129 7.60 -12.01 -8.56
CA PHE A 129 8.27 -10.73 -8.46
C PHE A 129 7.38 -9.71 -7.74
N LEU A 130 6.11 -9.58 -8.17
CA LEU A 130 5.21 -8.61 -7.56
C LEU A 130 5.12 -8.85 -6.05
N ILE A 131 4.69 -10.05 -5.66
CA ILE A 131 4.59 -10.36 -4.24
C ILE A 131 5.92 -10.06 -3.56
N TYR A 132 7.03 -10.54 -4.13
CA TYR A 132 8.34 -10.24 -3.56
C TYR A 132 8.47 -8.76 -3.20
N GLN A 133 8.13 -7.88 -4.13
CA GLN A 133 8.38 -6.45 -3.90
C GLN A 133 7.54 -5.94 -2.74
N ILE A 134 6.26 -6.37 -2.67
CA ILE A 134 5.43 -5.95 -1.56
C ILE A 134 6.05 -6.31 -0.21
N LEU A 135 6.57 -7.53 -0.04
CA LEU A 135 7.06 -7.85 1.30
C LEU A 135 8.43 -7.22 1.58
N ARG A 136 9.11 -6.76 0.55
CA ARG A 136 10.32 -5.98 0.79
C ARG A 136 9.95 -4.59 1.32
N GLY A 137 9.00 -3.93 0.65
CA GLY A 137 8.36 -2.76 1.21
C GLY A 137 7.88 -3.01 2.63
N LEU A 138 7.06 -4.06 2.81
CA LEU A 138 6.46 -4.31 4.12
C LEU A 138 7.50 -4.54 5.20
N LYS A 139 8.61 -5.24 4.86
CA LYS A 139 9.71 -5.41 5.82
C LYS A 139 10.25 -4.06 6.23
N TYR A 140 10.53 -3.23 5.24
CA TYR A 140 10.98 -1.87 5.50
C TYR A 140 9.97 -1.09 6.35
N ILE A 141 8.70 -1.08 5.92
CA ILE A 141 7.69 -0.26 6.60
C ILE A 141 7.47 -0.78 8.02
N HIS A 142 7.24 -2.09 8.15
CA HIS A 142 7.02 -2.71 9.46
C HIS A 142 8.17 -2.45 10.41
N SER A 143 9.38 -2.29 9.86
CA SER A 143 10.58 -2.16 10.67
C SER A 143 10.68 -0.79 11.33
N ALA A 144 9.92 0.17 10.85
CA ALA A 144 9.77 1.48 11.45
C ALA A 144 8.52 1.58 12.33
N ASP A 145 7.94 0.42 12.69
CA ASP A 145 6.74 0.38 13.54
C ASP A 145 5.53 1.00 12.85
N ILE A 146 5.53 1.04 11.52
CA ILE A 146 4.38 1.52 10.75
C ILE A 146 3.65 0.29 10.18
N ILE A 147 2.33 0.27 10.35
CA ILE A 147 1.46 -0.72 9.73
C ILE A 147 0.74 -0.07 8.56
N HIS A 148 0.73 -0.74 7.41
CA HIS A 148 -0.14 -0.27 6.35
C HIS A 148 -1.58 -0.26 6.85
N ARG A 149 -2.11 -1.45 7.09
CA ARG A 149 -3.45 -1.79 7.62
C ARG A 149 -4.60 -1.56 6.63
N ASP A 150 -4.34 -1.05 5.43
CA ASP A 150 -5.39 -1.04 4.42
C ASP A 150 -4.86 -1.59 3.10
N LEU A 151 -3.97 -2.55 3.17
CA LEU A 151 -3.25 -2.98 1.98
C LEU A 151 -4.21 -3.67 1.02
N LYS A 152 -4.24 -3.19 -0.22
CA LYS A 152 -5.20 -3.67 -1.19
C LYS A 152 -4.67 -3.37 -2.58
N PRO A 153 -5.20 -4.02 -3.60
CA PRO A 153 -4.57 -3.88 -4.93
C PRO A 153 -4.49 -2.44 -5.43
N SER A 154 -5.41 -1.57 -5.04
CA SER A 154 -5.39 -0.22 -5.58
C SER A 154 -4.32 0.64 -4.91
N ASN A 155 -3.69 0.10 -3.87
CA ASN A 155 -2.61 0.73 -3.12
C ASN A 155 -1.24 0.24 -3.59
N LEU A 156 -1.19 -0.41 -4.73
CA LEU A 156 0.08 -0.95 -5.19
C LEU A 156 0.30 -0.38 -6.58
N ALA A 157 1.33 0.45 -6.74
CA ALA A 157 1.54 1.10 -8.02
C ALA A 157 2.56 0.31 -8.83
N VAL A 158 2.34 0.21 -10.13
CA VAL A 158 3.25 -0.60 -10.92
C VAL A 158 3.58 0.10 -12.21
N ASN A 159 4.72 -0.31 -12.75
CA ASN A 159 5.31 0.18 -13.98
C ASN A 159 5.16 -0.86 -15.07
N GLU A 160 5.44 -0.39 -16.30
CA GLU A 160 5.62 -1.26 -17.45
C GLU A 160 6.73 -2.27 -17.24
N ASP A 161 7.66 -2.02 -16.34
CA ASP A 161 8.76 -2.94 -16.08
C ASP A 161 8.49 -3.86 -14.91
N CYS A 162 7.22 -4.03 -14.50
CA CYS A 162 6.80 -4.89 -13.38
C CYS A 162 7.30 -4.39 -12.02
N GLU A 163 7.76 -3.15 -11.93
CA GLU A 163 8.23 -2.60 -10.65
C GLU A 163 7.04 -2.13 -9.83
N LEU A 164 7.02 -2.47 -8.53
CA LEU A 164 5.89 -2.19 -7.64
C LEU A 164 6.26 -1.23 -6.51
N LYS A 165 5.32 -0.33 -6.17
CA LYS A 165 5.46 0.56 -5.00
C LYS A 165 4.22 0.55 -4.11
N ILE A 166 4.44 0.46 -2.79
CA ILE A 166 3.33 0.57 -1.88
C ILE A 166 2.99 2.02 -1.69
N LEU A 167 1.71 2.34 -1.64
CA LEU A 167 1.37 3.68 -1.19
C LEU A 167 0.17 3.64 -0.26
N ASP A 168 -0.05 4.80 0.37
CA ASP A 168 -1.15 5.03 1.29
C ASP A 168 -1.02 4.26 2.61
N PHE A 169 0.20 3.83 2.92
CA PHE A 169 0.50 3.12 4.16
C PHE A 169 0.46 4.09 5.33
N GLY A 170 0.11 3.54 6.50
CA GLY A 170 0.15 4.21 7.77
C GLY A 170 -0.84 5.34 7.89
N LEU A 171 -1.77 5.46 6.94
CA LEU A 171 -2.70 6.57 6.96
C LEU A 171 -4.04 6.18 7.58
N ALA A 172 -4.37 4.89 7.64
CA ALA A 172 -5.70 4.47 8.07
C ALA A 172 -5.86 4.47 9.58
N TYR A 182 -14.30 2.18 0.19
CA TYR A 182 -14.41 1.42 1.44
C TYR A 182 -14.90 0.02 1.21
N VAL A 183 -15.78 -0.13 0.23
CA VAL A 183 -16.44 -1.43 0.03
C VAL A 183 -15.41 -2.45 -0.42
N ALA A 184 -14.59 -2.08 -1.40
CA ALA A 184 -13.56 -2.99 -1.89
C ALA A 184 -12.60 -3.37 -0.77
N GLY A 185 -12.21 -2.38 0.06
CA GLY A 185 -11.20 -2.61 1.08
C GLY A 185 -11.56 -3.69 2.08
N ARG A 186 -12.86 -3.95 2.26
CA ARG A 186 -13.26 -5.02 3.17
C ARG A 186 -12.67 -6.37 2.77
N TRP A 187 -12.40 -6.58 1.49
CA TRP A 187 -12.02 -7.93 1.07
C TRP A 187 -10.65 -8.35 1.59
N TYR A 188 -9.77 -7.41 1.86
CA TYR A 188 -8.39 -7.76 2.17
C TYR A 188 -8.07 -7.56 3.62
N ARG A 189 -9.06 -7.23 4.43
CA ARG A 189 -8.79 -6.89 5.80
C ARG A 189 -8.66 -8.16 6.61
N ALA A 190 -7.67 -8.18 7.48
CA ALA A 190 -7.55 -9.29 8.42
C ALA A 190 -8.82 -9.38 9.25
N PRO A 191 -9.25 -10.58 9.64
CA PRO A 191 -10.55 -10.70 10.33
C PRO A 191 -10.57 -10.01 11.68
N GLU A 192 -9.52 -10.19 12.49
CA GLU A 192 -9.47 -9.54 13.80
C GLU A 192 -9.62 -8.03 13.72
N ILE A 193 -9.26 -7.40 12.61
CA ILE A 193 -9.43 -5.95 12.47
C ILE A 193 -10.86 -5.61 12.04
N MET A 194 -11.35 -6.27 10.99
CA MET A 194 -12.71 -6.02 10.53
C MET A 194 -13.70 -6.03 11.69
N LEU A 195 -13.60 -7.06 12.54
CA LEU A 195 -14.54 -7.27 13.63
C LEU A 195 -13.95 -7.01 15.01
N ASN A 196 -12.89 -6.20 15.11
CA ASN A 196 -12.33 -5.73 16.40
C ASN A 196 -12.07 -6.87 17.40
N TRP A 197 -11.33 -7.90 16.96
CA TRP A 197 -11.13 -9.09 17.81
C TRP A 197 -10.01 -8.94 18.83
N MET A 198 -8.93 -8.26 18.47
CA MET A 198 -7.79 -8.08 19.35
C MET A 198 -7.19 -6.71 19.05
N HIS A 199 -6.07 -6.41 19.71
CA HIS A 199 -5.21 -5.33 19.26
C HIS A 199 -4.42 -5.79 18.04
N TYR A 200 -4.45 -5.00 16.97
CA TYR A 200 -3.87 -5.43 15.70
C TYR A 200 -2.36 -5.31 15.73
N ASN A 201 -1.68 -6.36 15.30
CA ASN A 201 -0.24 -6.31 15.13
C ASN A 201 0.10 -6.18 13.64
N GLN A 202 1.40 -6.25 13.32
CA GLN A 202 1.84 -5.94 11.95
C GLN A 202 1.39 -6.99 10.94
N THR A 203 1.27 -8.26 11.33
CA THR A 203 0.86 -9.32 10.41
C THR A 203 -0.49 -9.07 9.76
N VAL A 204 -1.28 -8.14 10.28
CA VAL A 204 -2.53 -7.75 9.63
C VAL A 204 -2.31 -7.50 8.15
N ASP A 205 -1.13 -6.94 7.80
CA ASP A 205 -0.85 -6.65 6.41
C ASP A 205 -0.54 -7.90 5.63
N ILE A 206 0.12 -8.87 6.28
CA ILE A 206 0.42 -10.13 5.60
C ILE A 206 -0.86 -10.84 5.17
N TRP A 207 -1.91 -10.77 6.00
CA TRP A 207 -3.21 -11.31 5.58
C TRP A 207 -3.65 -10.69 4.27
N SER A 208 -3.54 -9.37 4.19
CA SER A 208 -3.85 -8.68 2.95
C SER A 208 -2.93 -9.15 1.83
N VAL A 209 -1.68 -9.41 2.16
CA VAL A 209 -0.76 -9.91 1.16
C VAL A 209 -1.24 -11.26 0.63
N GLY A 210 -1.75 -12.11 1.53
CA GLY A 210 -2.26 -13.40 1.14
C GLY A 210 -3.37 -13.27 0.13
N CYS A 211 -4.36 -12.49 0.54
CA CYS A 211 -5.50 -12.21 -0.30
C CYS A 211 -5.09 -11.68 -1.66
N ILE A 212 -4.07 -10.80 -1.70
CA ILE A 212 -3.65 -10.21 -2.97
C ILE A 212 -2.95 -11.22 -3.86
N MET A 213 -1.99 -11.96 -3.29
CA MET A 213 -1.28 -12.96 -4.06
C MET A 213 -2.27 -13.95 -4.67
N ALA A 214 -3.22 -14.43 -3.86
CA ALA A 214 -4.18 -15.40 -4.38
C ALA A 214 -4.98 -14.76 -5.49
N GLU A 215 -5.34 -13.49 -5.32
CA GLU A 215 -6.10 -12.85 -6.39
C GLU A 215 -5.20 -12.51 -7.60
N LEU A 216 -3.88 -12.41 -7.43
CA LEU A 216 -3.05 -12.11 -8.60
C LEU A 216 -2.87 -13.38 -9.43
N LEU A 217 -2.68 -14.50 -8.76
CA LEU A 217 -2.65 -15.82 -9.40
C LEU A 217 -3.92 -16.09 -10.21
N THR A 218 -5.10 -15.91 -9.59
CA THR A 218 -6.36 -16.41 -10.15
C THR A 218 -7.05 -15.40 -11.04
N GLY A 219 -6.93 -14.13 -10.73
CA GLY A 219 -7.71 -13.12 -11.38
C GLY A 219 -9.01 -12.78 -10.70
N ARG A 220 -9.35 -13.43 -9.57
CA ARG A 220 -10.64 -13.22 -8.90
C ARG A 220 -10.45 -12.99 -7.40
N THR A 221 -11.16 -12.02 -6.87
CA THR A 221 -11.08 -11.72 -5.44
C THR A 221 -11.32 -12.96 -4.58
N LEU A 222 -10.45 -13.22 -3.60
CA LEU A 222 -10.49 -14.50 -2.86
C LEU A 222 -11.69 -14.58 -1.92
N PHE A 223 -11.92 -13.53 -1.15
CA PHE A 223 -12.99 -13.48 -0.15
C PHE A 223 -13.90 -12.29 -0.43
N PRO A 224 -14.61 -12.28 -1.54
CA PRO A 224 -15.51 -11.15 -1.81
C PRO A 224 -16.75 -11.10 -0.91
N GLY A 225 -16.58 -11.01 0.41
CA GLY A 225 -17.73 -10.98 1.30
C GLY A 225 -18.65 -9.81 1.01
N THR A 226 -19.96 -10.07 1.13
CA THR A 226 -20.99 -9.09 0.78
C THR A 226 -21.30 -8.13 1.93
N ASP A 227 -21.13 -8.57 3.17
CA ASP A 227 -21.18 -7.67 4.31
C ASP A 227 -20.22 -8.23 5.35
N HIS A 228 -20.16 -7.54 6.49
CA HIS A 228 -19.27 -7.98 7.56
C HIS A 228 -19.52 -9.43 7.92
N ILE A 229 -20.79 -9.85 7.93
CA ILE A 229 -21.12 -11.21 8.34
C ILE A 229 -20.71 -12.22 7.27
N ASP A 230 -21.07 -11.96 6.00
CA ASP A 230 -20.70 -12.88 4.93
C ASP A 230 -19.18 -13.05 4.83
N GLN A 231 -18.44 -11.95 5.00
CA GLN A 231 -16.98 -11.97 4.89
C GLN A 231 -16.38 -13.09 5.72
N LEU A 232 -16.72 -13.13 7.02
CA LEU A 232 -16.24 -14.20 7.89
C LEU A 232 -16.63 -15.57 7.35
N LYS A 233 -17.87 -15.71 6.89
CA LYS A 233 -18.33 -17.00 6.38
C LYS A 233 -17.43 -17.47 5.24
N LEU A 234 -17.16 -16.58 4.29
CA LEU A 234 -16.21 -16.89 3.23
C LEU A 234 -14.82 -17.12 3.80
N ILE A 235 -14.42 -16.32 4.80
CA ILE A 235 -13.12 -16.51 5.44
C ILE A 235 -13.02 -17.94 5.98
N LEU A 236 -13.94 -18.30 6.88
CA LEU A 236 -13.88 -19.60 7.53
C LEU A 236 -14.07 -20.74 6.54
N ARG A 237 -14.80 -20.49 5.44
CA ARG A 237 -15.03 -21.54 4.46
C ARG A 237 -13.74 -22.13 3.92
N LEU A 238 -12.67 -21.33 3.80
CA LEU A 238 -11.43 -21.83 3.24
C LEU A 238 -10.40 -22.20 4.29
N VAL A 239 -10.17 -21.34 5.28
CA VAL A 239 -9.07 -21.54 6.21
C VAL A 239 -9.43 -22.45 7.39
N GLY A 240 -10.71 -22.76 7.56
CA GLY A 240 -11.14 -23.63 8.64
C GLY A 240 -11.61 -22.85 9.85
N THR A 241 -12.07 -23.61 10.84
CA THR A 241 -12.54 -23.03 12.07
C THR A 241 -11.36 -22.66 12.96
N PRO A 242 -11.57 -21.72 13.89
CA PRO A 242 -10.49 -21.35 14.81
C PRO A 242 -10.08 -22.53 15.67
N GLY A 243 -8.77 -22.78 15.72
CA GLY A 243 -8.22 -23.89 16.48
C GLY A 243 -8.36 -23.75 17.99
N ALA A 244 -7.35 -24.23 18.73
CA ALA A 244 -7.43 -24.32 20.18
C ALA A 244 -7.56 -22.97 20.86
N GLU A 245 -6.49 -22.18 20.86
CA GLU A 245 -6.47 -20.86 21.46
C GLU A 245 -7.63 -20.01 20.95
N LEU A 246 -7.39 -19.19 19.93
CA LEU A 246 -8.44 -18.65 19.08
C LEU A 246 -9.51 -17.88 19.85
N LEU A 247 -10.54 -18.60 20.31
CA LEU A 247 -11.57 -17.97 21.14
C LEU A 247 -10.96 -17.43 22.42
N LYS A 248 -9.88 -18.05 22.89
CA LYS A 248 -9.08 -17.51 23.99
C LYS A 248 -8.17 -16.40 23.47
N LYS A 249 -8.75 -15.41 22.80
CA LYS A 249 -8.00 -14.28 22.23
C LYS A 249 -8.95 -13.19 21.77
N ILE A 250 -10.08 -13.02 22.45
CA ILE A 250 -11.02 -11.95 22.16
C ILE A 250 -11.23 -11.11 23.41
N SER A 261 -20.05 -21.11 17.68
CA SER A 261 -21.43 -20.68 17.50
C SER A 261 -21.86 -20.74 16.03
N LEU A 262 -21.00 -21.28 15.18
CA LEU A 262 -21.30 -21.49 13.78
C LEU A 262 -20.80 -22.87 13.37
N ALA A 263 -21.03 -23.24 12.12
CA ALA A 263 -20.68 -24.58 11.66
C ALA A 263 -19.19 -24.84 11.79
N GLN A 264 -18.82 -26.06 12.19
CA GLN A 264 -17.43 -26.41 12.47
C GLN A 264 -16.78 -26.99 11.21
N MET A 265 -16.43 -26.09 10.27
CA MET A 265 -15.76 -26.44 9.03
C MET A 265 -14.29 -26.76 9.28
N PRO A 266 -13.71 -27.65 8.47
CA PRO A 266 -12.29 -27.99 8.59
C PRO A 266 -11.43 -27.13 7.69
N LYS A 267 -10.12 -27.19 7.94
CA LYS A 267 -9.16 -26.35 7.23
C LYS A 267 -8.77 -26.99 5.90
N MET A 268 -8.94 -26.22 4.82
CA MET A 268 -8.62 -26.74 3.49
C MET A 268 -7.13 -26.96 3.34
N ASN A 269 -6.77 -28.08 2.72
CA ASN A 269 -5.40 -28.28 2.27
C ASN A 269 -5.20 -27.42 1.02
N PHE A 270 -4.38 -26.37 1.15
CA PHE A 270 -4.30 -25.31 0.15
C PHE A 270 -3.94 -25.84 -1.23
N ALA A 271 -3.16 -26.91 -1.29
CA ALA A 271 -2.82 -27.53 -2.57
C ALA A 271 -4.07 -27.91 -3.35
N ASN A 272 -5.13 -28.32 -2.64
CA ASN A 272 -6.37 -28.72 -3.30
C ASN A 272 -7.16 -27.56 -3.88
N VAL A 273 -6.90 -26.33 -3.46
CA VAL A 273 -7.68 -25.21 -3.94
C VAL A 273 -7.04 -24.55 -5.15
N PHE A 274 -5.75 -24.29 -5.08
CA PHE A 274 -5.06 -23.50 -6.11
C PHE A 274 -4.41 -24.43 -7.12
N ILE A 275 -5.27 -25.03 -7.95
CA ILE A 275 -4.83 -26.07 -8.86
C ILE A 275 -3.93 -25.46 -9.94
N GLY A 276 -2.88 -26.20 -10.30
CA GLY A 276 -1.93 -25.74 -11.29
C GLY A 276 -1.01 -24.65 -10.80
N ALA A 277 -0.91 -24.46 -9.50
CA ALA A 277 0.01 -23.49 -8.93
C ALA A 277 1.34 -24.15 -8.64
N ASN A 278 2.40 -23.35 -8.73
CA ASN A 278 3.66 -23.77 -8.13
C ASN A 278 3.37 -24.25 -6.72
N PRO A 279 3.69 -25.49 -6.37
CA PRO A 279 3.52 -25.91 -4.97
C PRO A 279 4.33 -25.07 -3.98
N LEU A 280 5.43 -24.47 -4.43
CA LEU A 280 6.17 -23.56 -3.56
C LEU A 280 5.34 -22.32 -3.21
N ALA A 281 4.51 -21.86 -4.15
CA ALA A 281 3.67 -20.69 -3.93
C ALA A 281 2.55 -20.98 -2.95
N VAL A 282 1.93 -22.16 -3.06
CA VAL A 282 0.80 -22.44 -2.17
C VAL A 282 1.30 -22.65 -0.73
N ASP A 283 2.50 -23.17 -0.55
CA ASP A 283 3.03 -23.31 0.81
C ASP A 283 3.15 -21.94 1.49
N LEU A 284 3.56 -20.91 0.74
CA LEU A 284 3.59 -19.57 1.29
C LEU A 284 2.17 -19.07 1.60
N LEU A 285 1.26 -19.19 0.63
CA LEU A 285 -0.12 -18.82 0.88
C LEU A 285 -0.64 -19.47 2.16
N GLU A 286 -0.27 -20.74 2.38
CA GLU A 286 -0.66 -21.44 3.59
C GLU A 286 -0.11 -20.75 4.83
N LYS A 287 1.14 -20.27 4.75
CA LYS A 287 1.78 -19.65 5.90
C LYS A 287 1.23 -18.27 6.20
N MET A 288 0.76 -17.56 5.17
CA MET A 288 0.28 -16.21 5.35
C MET A 288 -1.18 -16.16 5.75
N LEU A 289 -1.99 -17.11 5.30
CA LEU A 289 -3.41 -17.01 5.60
C LEU A 289 -3.77 -17.82 6.83
N VAL A 290 -3.00 -17.69 7.91
CA VAL A 290 -3.27 -18.39 9.16
C VAL A 290 -4.12 -17.50 10.04
N LEU A 291 -5.18 -18.06 10.61
CA LEU A 291 -6.13 -17.25 11.37
C LEU A 291 -5.48 -16.62 12.60
N ASP A 292 -4.72 -17.39 13.39
CA ASP A 292 -4.12 -16.86 14.61
C ASP A 292 -2.93 -15.99 14.25
N SER A 293 -3.07 -14.68 14.52
CA SER A 293 -2.04 -13.69 14.23
C SER A 293 -0.67 -14.14 14.67
N ASP A 294 -0.60 -14.75 15.87
CA ASP A 294 0.66 -15.27 16.38
C ASP A 294 1.31 -16.26 15.43
N LYS A 295 0.53 -16.90 14.57
CA LYS A 295 1.05 -17.95 13.71
C LYS A 295 1.41 -17.48 12.30
N ARG A 296 0.93 -16.32 11.87
CA ARG A 296 1.18 -15.88 10.50
C ARG A 296 2.66 -15.59 10.29
N ILE A 297 3.11 -15.83 9.05
CA ILE A 297 4.48 -15.52 8.68
C ILE A 297 4.65 -14.02 8.64
N THR A 298 5.87 -13.57 8.91
CA THR A 298 6.18 -12.14 8.86
C THR A 298 6.83 -11.79 7.52
N ALA A 299 6.78 -10.50 7.20
CA ALA A 299 7.37 -10.05 5.95
C ALA A 299 8.83 -10.44 5.89
N ALA A 300 9.59 -10.09 6.93
CA ALA A 300 11.00 -10.43 6.95
C ALA A 300 11.16 -11.92 6.85
N GLN A 301 10.31 -12.67 7.56
CA GLN A 301 10.34 -14.12 7.44
C GLN A 301 9.95 -14.57 6.03
N ALA A 302 8.84 -14.04 5.49
CA ALA A 302 8.34 -14.52 4.21
C ALA A 302 9.33 -14.28 3.08
N LEU A 303 10.23 -13.31 3.26
CA LEU A 303 11.17 -12.99 2.18
C LEU A 303 12.14 -14.13 1.92
N ALA A 304 12.64 -14.76 3.00
CA ALA A 304 13.65 -15.80 2.88
C ALA A 304 13.11 -17.11 2.29
N HIS A 305 11.80 -17.26 2.17
CA HIS A 305 11.23 -18.52 1.72
C HIS A 305 11.58 -18.73 0.25
N ALA A 306 11.52 -20.01 -0.17
CA ALA A 306 12.13 -20.47 -1.42
C ALA A 306 11.39 -20.01 -2.68
N TYR A 307 10.09 -19.65 -2.58
CA TYR A 307 9.40 -19.09 -3.74
C TYR A 307 10.10 -17.85 -4.25
N PHE A 308 10.69 -17.08 -3.34
CA PHE A 308 11.45 -15.91 -3.70
C PHE A 308 12.93 -16.18 -3.80
N ALA A 309 13.35 -17.46 -3.78
CA ALA A 309 14.78 -17.74 -3.81
C ALA A 309 15.45 -17.12 -5.03
N GLN A 310 14.73 -16.99 -6.15
CA GLN A 310 15.29 -16.34 -7.34
C GLN A 310 15.59 -14.87 -7.10
N TYR A 311 14.76 -14.19 -6.32
CA TYR A 311 14.98 -12.78 -6.03
C TYR A 311 15.49 -12.55 -4.60
N HIS A 312 15.27 -13.51 -3.71
CA HIS A 312 15.71 -13.44 -2.32
C HIS A 312 17.20 -13.14 -2.25
N ASP A 313 17.51 -11.99 -1.67
CA ASP A 313 18.90 -11.54 -1.51
C ASP A 313 18.97 -10.80 -0.18
N PRO A 314 19.31 -11.51 0.90
CA PRO A 314 19.41 -10.88 2.23
C PRO A 314 20.26 -9.62 2.27
N ASP A 315 21.19 -9.49 1.33
CA ASP A 315 22.05 -8.31 1.32
C ASP A 315 21.41 -7.12 0.62
N ASP A 316 20.16 -7.23 0.15
CA ASP A 316 19.46 -6.13 -0.52
C ASP A 316 18.02 -6.03 -0.05
N GLU A 317 17.78 -6.17 1.25
CA GLU A 317 16.43 -6.14 1.80
C GLU A 317 16.43 -5.26 3.05
N PRO A 318 16.53 -3.95 2.87
CA PRO A 318 16.90 -3.08 3.99
C PRO A 318 15.74 -2.67 4.91
N VAL A 319 16.16 -2.20 6.08
CA VAL A 319 15.32 -1.75 7.17
C VAL A 319 15.34 -0.22 7.19
N ALA A 320 14.24 0.38 7.68
CA ALA A 320 14.15 1.83 7.78
C ALA A 320 14.84 2.36 9.03
N ASP A 321 15.31 3.62 8.97
CA ASP A 321 15.77 4.30 10.16
C ASP A 321 14.62 4.48 11.16
N PRO A 322 14.95 4.62 12.44
CA PRO A 322 13.92 4.90 13.44
C PRO A 322 13.13 6.14 13.06
N TYR A 323 11.83 6.10 13.38
CA TYR A 323 10.87 7.10 12.96
C TYR A 323 10.04 7.49 14.17
N ASP A 324 9.99 8.78 14.46
CA ASP A 324 9.36 9.31 15.65
C ASP A 324 7.87 9.52 15.38
N GLN A 325 7.03 8.77 16.10
CA GLN A 325 5.57 8.91 16.07
C GLN A 325 5.03 9.54 17.35
N SER A 326 5.82 10.37 18.05
CA SER A 326 5.40 10.85 19.37
C SER A 326 4.15 11.71 19.28
N PHE A 327 4.05 12.52 18.22
CA PHE A 327 2.90 13.40 18.04
C PHE A 327 1.58 12.67 17.99
N GLU A 328 1.59 11.34 17.81
CA GLU A 328 0.35 10.61 17.56
C GLU A 328 -0.57 10.67 18.79
N SER A 329 0.00 10.50 19.98
CA SER A 329 -0.71 10.60 21.25
C SER A 329 -1.00 12.04 21.65
N ARG A 330 -0.51 13.00 20.88
CA ARG A 330 -0.53 14.40 21.26
C ARG A 330 -1.80 15.08 20.77
N ASP A 331 -2.35 15.94 21.62
CA ASP A 331 -3.60 16.62 21.33
C ASP A 331 -3.25 18.10 21.31
N LEU A 332 -3.01 18.67 20.11
CA LEU A 332 -2.59 20.05 19.96
C LEU A 332 -3.60 20.75 19.06
N LEU A 333 -3.44 22.07 18.93
CA LEU A 333 -4.38 22.83 18.14
C LEU A 333 -4.00 22.81 16.66
N ILE A 334 -5.01 23.03 15.82
CA ILE A 334 -4.79 22.94 14.37
C ILE A 334 -3.71 23.91 13.94
N ASP A 335 -3.62 25.07 14.59
CA ASP A 335 -2.58 26.02 14.23
C ASP A 335 -1.20 25.49 14.60
N GLU A 336 -1.11 24.62 15.60
CA GLU A 336 0.18 24.03 15.88
C GLU A 336 0.45 22.87 14.93
N TRP A 337 -0.58 22.07 14.64
CA TRP A 337 -0.45 21.06 13.59
C TRP A 337 -0.03 21.71 12.28
N LYS A 338 -0.66 22.84 11.92
CA LYS A 338 -0.32 23.54 10.68
C LYS A 338 1.12 24.06 10.70
N SER A 339 1.55 24.59 11.83
CA SER A 339 2.93 25.04 11.96
C SER A 339 3.89 23.86 11.90
N LEU A 340 3.50 22.73 12.48
CA LEU A 340 4.34 21.53 12.38
C LEU A 340 4.46 21.07 10.93
N THR A 341 3.36 21.03 10.16
CA THR A 341 3.49 20.69 8.75
C THR A 341 4.32 21.74 8.00
N TYR A 342 4.02 23.03 8.17
CA TYR A 342 4.79 24.03 7.45
C TYR A 342 6.27 23.89 7.76
N ASP A 343 6.59 23.60 9.03
CA ASP A 343 7.97 23.29 9.38
C ASP A 343 8.52 22.16 8.53
N GLU A 344 7.72 21.08 8.39
CA GLU A 344 8.15 19.97 7.55
C GLU A 344 8.28 20.38 6.07
N VAL A 345 7.33 21.14 5.55
CA VAL A 345 7.42 21.61 4.18
C VAL A 345 8.72 22.41 3.98
N ILE A 346 8.96 23.40 4.85
CA ILE A 346 10.14 24.25 4.76
C ILE A 346 11.42 23.44 4.80
N SER A 347 11.50 22.51 5.75
CA SER A 347 12.75 21.80 5.95
C SER A 347 13.04 20.75 4.88
N PHE A 348 12.21 20.65 3.85
CA PHE A 348 12.35 19.56 2.90
C PHE A 348 13.64 19.68 2.09
N VAL A 349 14.38 18.59 2.04
CA VAL A 349 15.65 18.48 1.31
C VAL A 349 15.43 17.51 0.15
N PRO A 350 15.36 18.00 -1.09
CA PRO A 350 15.15 17.09 -2.23
C PRO A 350 16.27 16.09 -2.32
N PRO A 351 16.01 14.93 -2.91
CA PRO A 351 17.03 13.87 -2.98
C PRO A 351 18.12 14.19 -3.99
N PRO A 352 19.23 13.43 -3.96
CA PRO A 352 20.32 13.65 -4.94
C PRO A 352 19.88 13.58 -6.39
N LEU A 353 20.01 14.69 -7.13
CA LEU A 353 19.66 14.69 -8.55
C LEU A 353 20.73 14.01 -9.40
N ARG B 1 -14.95 -24.18 -2.90
CA ARG B 1 -14.58 -23.86 -4.27
C ARG B 1 -13.08 -23.92 -4.42
N VAL B 2 -12.64 -24.35 -5.60
CA VAL B 2 -11.22 -24.35 -5.96
C VAL B 2 -10.99 -23.24 -6.96
N TYR B 3 -9.78 -22.72 -6.97
CA TYR B 3 -9.42 -21.59 -7.81
C TYR B 3 -8.11 -21.91 -8.49
N PRO B 4 -8.15 -22.21 -9.79
CA PRO B 4 -6.93 -22.51 -10.54
C PRO B 4 -6.27 -21.24 -11.06
N VAL B 5 -4.98 -21.36 -11.32
CA VAL B 5 -4.16 -20.22 -11.69
C VAL B 5 -4.52 -19.74 -13.09
N SER B 6 -4.36 -18.44 -13.32
CA SER B 6 -4.63 -17.87 -14.64
C SER B 6 -3.83 -18.57 -15.73
N VAL B 7 -2.54 -18.77 -15.50
CA VAL B 7 -1.67 -19.55 -16.35
C VAL B 7 -1.10 -20.68 -15.51
N PRO B 8 -1.38 -21.93 -15.87
CA PRO B 8 -0.96 -23.06 -15.05
C PRO B 8 0.56 -23.06 -14.87
N TYR B 9 1.00 -23.50 -13.70
CA TYR B 9 2.42 -23.49 -13.40
C TYR B 9 3.16 -24.40 -14.35
N SER B 10 4.27 -23.89 -14.88
CA SER B 10 5.15 -24.64 -15.75
C SER B 10 6.49 -24.85 -15.05
N SER B 11 6.99 -26.07 -15.12
CA SER B 11 8.24 -26.41 -14.43
C SER B 11 9.32 -26.86 -15.41
N VAL B 20 12.78 -13.88 -19.93
CA VAL B 20 13.13 -14.12 -18.53
C VAL B 20 13.22 -12.80 -17.78
N THR B 21 12.55 -11.78 -18.31
CA THR B 21 12.39 -10.50 -17.63
C THR B 21 10.93 -10.09 -17.75
N LEU B 22 10.37 -9.52 -16.68
CA LEU B 22 8.92 -9.41 -16.55
C LEU B 22 8.42 -8.04 -17.02
N SER B 23 7.15 -8.01 -17.47
CA SER B 23 6.54 -6.75 -17.92
C SER B 23 5.02 -6.83 -17.81
N LEU B 24 4.36 -5.66 -17.75
CA LEU B 24 2.89 -5.60 -17.78
C LEU B 24 2.43 -4.62 -18.82
N VAL B 25 1.20 -4.77 -19.34
CA VAL B 25 0.65 -3.76 -20.24
C VAL B 25 -0.10 -2.71 -19.43
N MET B 26 0.18 -1.45 -19.73
CA MET B 26 -0.44 -0.31 -19.10
C MET B 26 -1.82 -0.03 -19.72
N PRO B 27 -2.84 0.26 -18.91
CA PRO B 27 -4.08 0.82 -19.42
C PRO B 27 -3.89 2.21 -20.04
CA1 SB4 C . -3.52 7.67 -8.47
CA2 SB4 C . -4.87 7.01 -8.85
NA3 SB4 C . -4.83 5.52 -9.08
CA4 SB4 C . -4.23 4.78 -7.92
CA5 SB4 C . -3.73 5.80 -6.86
CA6 SB4 C . -2.79 6.78 -7.50
CB1 SB4 C . 0.63 10.66 -5.81
CB2 SB4 C . 1.68 11.53 -5.55
CB3 SB4 C . 2.27 11.51 -4.31
CB4 SB4 C . 1.81 10.64 -3.33
CB5 SB4 C . 0.76 9.78 -3.60
CB6 SB4 C . 0.19 9.76 -4.86
FB7 SB4 C . 3.29 12.35 -4.04
CC1 SB4 C . 1.31 8.03 -7.34
CC2 SB4 C . -0.03 8.14 -7.56
NC3 SB4 C . -0.41 7.96 -8.83
CC4 SB4 C . 0.48 7.72 -9.83
NC5 SB4 C . 1.82 7.65 -9.58
CC6 SB4 C . 2.22 7.81 -8.33
NC7 SB4 C . -0.02 7.54 -11.18
ND1 SB4 C . -2.17 7.66 -6.45
CD2 SB4 C . -2.79 7.96 -5.30
ND3 SB4 C . -1.98 8.74 -4.60
CD4 SB4 C . -0.87 8.96 -5.32
CD5 SB4 C . -0.99 8.28 -6.53
#